data_6WE0
#
_entry.id   6WE0
#
_cell.length_a   45.572
_cell.length_b   50.010
_cell.length_c   73.441
_cell.angle_alpha   90.000
_cell.angle_beta   90.000
_cell.angle_gamma   90.000
#
_symmetry.space_group_name_H-M   'P 21 21 21'
#
loop_
_entity.id
_entity.type
_entity.pdbx_description
1 polymer 'Replication-associated protein'
2 polymer "DNA (5'-D(*TP*AP*AP*TP*AP*TP*TP*AP*CP*C)-3')"
3 non-polymer 'MANGANESE (II) ION'
4 water water
#
loop_
_entity_poly.entity_id
_entity_poly.type
_entity_poly.pdbx_seq_one_letter_code
_entity_poly.pdbx_strand_id
1 'polypeptide(L)'
;MASSSTPRFRVYSKYLFLTYPQCTLEPQYALDSLRTLLNKYEPLYIAAVRELHEDGSPHLHVLVQNKLRASITNPNALNL
RMDTSPFSIFHPNIQAAKDCNQVRDFITKEVDSDVNTAEWGTFVAVSTPGRKDRDAD
;
A
2 'polydeoxyribonucleotide' (DT)(DA)(DA)(DT)(DA)(DT)(DT)(DA)(DC)(DC) C
#
loop_
_chem_comp.id
_chem_comp.type
_chem_comp.name
_chem_comp.formula
DA DNA linking 2'-DEOXYADENOSINE-5'-MONOPHOSPHATE 'C10 H14 N5 O6 P'
DC DNA linking 2'-DEOXYCYTIDINE-5'-MONOPHOSPHATE 'C9 H14 N3 O7 P'
DT DNA linking THYMIDINE-5'-MONOPHOSPHATE 'C10 H15 N2 O8 P'
MN non-polymer 'MANGANESE (II) ION' 'Mn 2'
#
# COMPACT_ATOMS: atom_id res chain seq x y z
N ARG A 8 16.41 -12.83 -7.31
CA ARG A 8 15.17 -12.80 -8.07
C ARG A 8 13.97 -12.62 -7.16
N PHE A 9 13.13 -11.67 -7.52
CA PHE A 9 11.85 -11.44 -6.85
C PHE A 9 10.78 -11.33 -7.92
N ARG A 10 9.67 -12.04 -7.71
CA ARG A 10 8.59 -12.03 -8.69
C ARG A 10 7.27 -12.18 -7.96
N VAL A 11 6.31 -11.31 -8.27
CA VAL A 11 4.92 -11.55 -7.87
C VAL A 11 4.03 -11.10 -9.03
N TYR A 12 3.05 -11.93 -9.36
CA TYR A 12 2.15 -11.69 -10.51
C TYR A 12 0.72 -11.78 -9.99
N SER A 13 0.10 -10.64 -9.71
CA SER A 13 -1.25 -10.69 -9.18
C SER A 13 -1.96 -9.38 -9.46
N LYS A 14 -3.29 -9.46 -9.63
CA LYS A 14 -4.10 -8.25 -9.66
C LYS A 14 -4.17 -7.56 -8.30
N TYR A 15 -3.89 -8.30 -7.22
CA TYR A 15 -4.20 -7.89 -5.85
C TYR A 15 -2.91 -7.88 -5.04
N LEU A 16 -2.53 -6.70 -4.56
CA LEU A 16 -1.25 -6.51 -3.87
C LEU A 16 -1.47 -5.98 -2.46
N PHE A 17 -0.70 -6.52 -1.52
CA PHE A 17 -0.75 -6.13 -0.11
C PHE A 17 0.64 -5.64 0.24
N LEU A 18 0.79 -4.33 0.45
CA LEU A 18 2.10 -3.74 0.74
C LEU A 18 2.17 -3.31 2.20
N THR A 19 3.33 -3.48 2.81
CA THR A 19 3.59 -3.01 4.17
C THR A 19 4.93 -2.28 4.17
N TYR A 20 4.90 -1.00 4.53
CA TYR A 20 6.10 -0.18 4.65
C TYR A 20 6.45 -0.02 6.12
N PRO A 21 7.43 -0.74 6.65
CA PRO A 21 7.74 -0.60 8.07
C PRO A 21 8.48 0.70 8.37
N GLN A 22 8.33 1.14 9.62
CA GLN A 22 9.02 2.32 10.15
C GLN A 22 8.88 3.49 9.17
N CYS A 23 7.62 3.78 8.84
CA CYS A 23 7.30 4.73 7.79
C CYS A 23 6.13 5.60 8.25
N THR A 24 6.31 6.92 8.16
CA THR A 24 5.31 7.90 8.58
C THR A 24 4.68 8.65 7.41
N LEU A 25 4.87 8.18 6.19
CA LEU A 25 4.28 8.80 5.00
C LEU A 25 2.78 8.99 5.17
N GLU A 26 2.28 10.17 4.82
CA GLU A 26 0.84 10.40 4.85
C GLU A 26 0.13 9.47 3.88
N PRO A 27 -0.94 8.79 4.30
CA PRO A 27 -1.57 7.80 3.42
C PRO A 27 -2.06 8.34 2.09
N GLN A 28 -2.62 9.56 2.05
CA GLN A 28 -3.09 10.09 0.78
C GLN A 28 -1.96 10.25 -0.23
N TYR A 29 -0.79 10.69 0.22
CA TYR A 29 0.30 10.90 -0.73
C TYR A 29 0.92 9.59 -1.18
N ALA A 30 0.99 8.59 -0.29
CA ALA A 30 1.43 7.27 -0.70
C ALA A 30 0.48 6.67 -1.74
N LEU A 31 -0.83 6.78 -1.49
CA LEU A 31 -1.84 6.29 -2.42
C LEU A 31 -1.67 6.91 -3.80
N ASP A 32 -1.61 8.25 -3.86
CA ASP A 32 -1.50 8.91 -5.15
C ASP A 32 -0.23 8.50 -5.89
N SER A 33 0.86 8.28 -5.16
CA SER A 33 2.11 7.87 -5.79
C SER A 33 2.04 6.44 -6.30
N LEU A 34 1.40 5.54 -5.54
CA LEU A 34 1.31 4.15 -6.02
C LEU A 34 0.34 4.04 -7.19
N ARG A 35 -0.66 4.91 -7.25
CA ARG A 35 -1.54 4.93 -8.41
C ARG A 35 -0.77 5.14 -9.71
N THR A 36 0.26 6.01 -9.70
CA THR A 36 0.99 6.21 -10.95
C THR A 36 2.05 5.13 -11.16
N LEU A 37 2.71 4.68 -10.10
CA LEU A 37 3.71 3.62 -10.26
C LEU A 37 3.08 2.34 -10.81
N LEU A 38 1.84 2.06 -10.44
CA LEU A 38 1.13 0.88 -10.92
C LEU A 38 0.18 1.18 -12.09
N ASN A 39 0.31 2.36 -12.72
CA ASN A 39 -0.69 2.79 -13.68
C ASN A 39 -0.80 1.85 -14.88
N LYS A 40 0.27 1.11 -15.20
CA LYS A 40 0.23 0.18 -16.33
C LYS A 40 -0.75 -0.96 -16.13
N TYR A 41 -1.11 -1.28 -14.89
CA TYR A 41 -2.05 -2.37 -14.60
C TYR A 41 -3.46 -1.89 -14.30
N GLU A 42 -3.72 -0.59 -14.45
CA GLU A 42 -5.05 0.00 -14.29
C GLU A 42 -5.62 -0.24 -12.89
N PRO A 43 -5.06 0.39 -11.85
CA PRO A 43 -5.63 0.26 -10.52
C PRO A 43 -7.11 0.64 -10.52
N LEU A 44 -7.90 -0.16 -9.80
CA LEU A 44 -9.32 0.06 -9.66
C LEU A 44 -9.72 0.52 -8.26
N TYR A 45 -8.95 0.13 -7.25
CA TYR A 45 -9.24 0.45 -5.86
C TYR A 45 -7.92 0.43 -5.11
N ILE A 46 -7.71 1.42 -4.24
CA ILE A 46 -6.56 1.41 -3.34
C ILE A 46 -7.03 1.86 -1.97
N ALA A 47 -6.58 1.16 -0.93
CA ALA A 47 -6.72 1.64 0.44
C ALA A 47 -5.35 1.71 1.09
N ALA A 48 -5.05 2.86 1.70
CA ALA A 48 -3.78 3.09 2.40
C ALA A 48 -4.05 3.55 3.83
N VAL A 49 -3.35 2.94 4.78
CA VAL A 49 -3.58 3.21 6.19
C VAL A 49 -2.24 3.41 6.89
N ARG A 50 -2.10 4.52 7.59
CA ARG A 50 -0.93 4.79 8.42
C ARG A 50 -1.27 4.36 9.85
N GLU A 51 -0.48 3.43 10.38
CA GLU A 51 -0.78 2.81 11.66
C GLU A 51 0.14 3.41 12.71
N LEU A 52 -0.45 4.11 13.67
CA LEU A 52 0.26 4.67 14.82
C LEU A 52 -0.39 4.13 16.07
N HIS A 53 0.44 3.66 17.01
CA HIS A 53 -0.04 3.12 18.27
C HIS A 53 1.09 3.28 19.27
N GLU A 54 0.72 3.53 20.53
CA GLU A 54 1.66 4.07 21.51
C GLU A 54 2.90 3.21 21.67
N ASP A 55 2.76 1.88 21.61
CA ASP A 55 3.86 0.98 22.00
C ASP A 55 4.44 0.21 20.82
N GLY A 56 4.42 0.78 19.62
CA GLY A 56 4.89 0.08 18.45
C GLY A 56 5.43 1.03 17.39
N SER A 57 6.00 0.46 16.36
CA SER A 57 6.59 1.32 15.35
C SER A 57 5.54 1.75 14.31
N PRO A 58 5.61 2.99 13.84
CA PRO A 58 4.67 3.45 12.83
C PRO A 58 4.93 2.77 11.51
N HIS A 59 3.86 2.51 10.76
CA HIS A 59 4.01 1.83 9.47
C HIS A 59 2.79 2.11 8.62
N LEU A 60 2.92 1.80 7.33
CA LEU A 60 1.83 1.96 6.38
C LEU A 60 1.50 0.60 5.77
N HIS A 61 0.20 0.33 5.58
CA HIS A 61 -0.26 -0.81 4.77
C HIS A 61 -1.01 -0.25 3.56
N VAL A 62 -0.91 -0.93 2.43
CA VAL A 62 -1.68 -0.56 1.24
C VAL A 62 -2.28 -1.82 0.64
N LEU A 63 -3.56 -1.76 0.30
CA LEU A 63 -4.19 -2.77 -0.54
C LEU A 63 -4.45 -2.15 -1.90
N VAL A 64 -4.01 -2.82 -2.96
CA VAL A 64 -4.25 -2.36 -4.32
C VAL A 64 -4.97 -3.46 -5.09
N GLN A 65 -6.07 -3.10 -5.73
CA GLN A 65 -6.81 -4.00 -6.61
C GLN A 65 -6.71 -3.44 -8.02
N ASN A 66 -6.09 -4.20 -8.92
CA ASN A 66 -5.85 -3.78 -10.29
C ASN A 66 -6.79 -4.50 -11.25
N LYS A 67 -7.05 -3.85 -12.40
CA LYS A 67 -7.81 -4.52 -13.46
C LYS A 67 -6.96 -5.59 -14.15
N LEU A 68 -5.67 -5.33 -14.34
CA LEU A 68 -4.76 -6.26 -14.99
C LEU A 68 -3.81 -6.85 -13.94
N ARG A 69 -3.29 -8.04 -14.23
CA ARG A 69 -2.33 -8.70 -13.35
C ARG A 69 -1.03 -7.91 -13.30
N ALA A 70 -0.65 -7.43 -12.11
CA ALA A 70 0.61 -6.71 -11.97
C ALA A 70 1.76 -7.68 -12.05
N SER A 71 2.82 -7.31 -12.78
CA SER A 71 4.03 -8.11 -12.89
C SER A 71 5.16 -7.35 -12.20
N ILE A 72 5.43 -7.68 -10.95
CA ILE A 72 6.52 -7.06 -10.20
C ILE A 72 7.70 -7.99 -10.22
N THR A 73 8.77 -7.60 -10.92
CA THR A 73 9.99 -8.40 -11.03
C THR A 73 11.21 -7.67 -10.50
N ASN A 74 11.01 -6.55 -9.83
CA ASN A 74 12.08 -5.82 -9.17
C ASN A 74 11.58 -5.53 -7.76
N PRO A 75 12.25 -6.00 -6.72
CA PRO A 75 11.73 -5.79 -5.36
C PRO A 75 11.67 -4.31 -4.96
N ASN A 76 12.35 -3.43 -5.68
CA ASN A 76 12.39 -2.00 -5.36
C ASN A 76 11.43 -1.18 -6.21
N ALA A 77 10.61 -1.83 -7.03
CA ALA A 77 9.75 -1.11 -7.97
C ALA A 77 8.75 -0.19 -7.27
N LEU A 78 8.38 -0.47 -6.03
CA LEU A 78 7.40 0.35 -5.31
C LEU A 78 8.02 1.09 -4.13
N ASN A 79 9.33 1.27 -4.15
CA ASN A 79 9.99 2.15 -3.19
C ASN A 79 9.50 3.59 -3.37
N LEU A 80 9.39 4.30 -2.23
CA LEU A 80 8.93 5.70 -2.21
C LEU A 80 9.85 6.53 -1.34
N ARG A 81 10.11 7.76 -1.79
CA ARG A 81 10.96 8.70 -1.08
C ARG A 81 10.10 9.85 -0.54
N MET A 82 10.33 10.23 0.71
CA MET A 82 9.64 11.39 1.26
C MET A 82 10.25 12.69 0.73
N ASP A 83 9.45 13.75 0.73
CA ASP A 83 9.83 14.98 0.04
C ASP A 83 10.33 16.06 0.99
N THR A 84 10.61 15.72 2.24
CA THR A 84 11.20 16.63 3.20
C THR A 84 12.38 15.92 3.88
N SER A 85 13.30 16.72 4.43
CA SER A 85 14.40 16.12 5.17
C SER A 85 13.86 15.13 6.20
N PRO A 86 14.55 14.00 6.43
CA PRO A 86 15.85 13.58 5.90
C PRO A 86 15.80 12.88 4.55
N PHE A 87 14.66 12.96 3.84
CA PHE A 87 14.53 12.37 2.52
C PHE A 87 14.74 10.86 2.53
N SER A 88 14.13 10.18 3.51
CA SER A 88 14.27 8.73 3.64
C SER A 88 13.59 8.00 2.48
N ILE A 89 14.17 6.86 2.11
CA ILE A 89 13.56 5.94 1.16
C ILE A 89 12.86 4.85 1.95
N PHE A 90 11.60 4.59 1.62
CA PHE A 90 10.81 3.55 2.27
C PHE A 90 10.63 2.37 1.33
N HIS A 91 11.15 1.21 1.75
CA HIS A 91 10.99 0.00 0.97
C HIS A 91 9.89 -0.86 1.58
N PRO A 92 8.92 -1.38 0.79
CA PRO A 92 7.87 -2.23 1.35
C PRO A 92 8.12 -3.73 1.24
N ASN A 93 7.51 -4.47 2.15
CA ASN A 93 7.14 -5.87 1.94
C ASN A 93 6.01 -5.94 0.91
N ILE A 94 6.23 -6.64 -0.19
CA ILE A 94 5.23 -6.77 -1.25
C ILE A 94 4.71 -8.20 -1.24
N GLN A 95 3.37 -8.37 -1.25
CA GLN A 95 2.79 -9.72 -1.36
C GLN A 95 1.58 -9.74 -2.29
N ALA A 96 1.35 -10.90 -2.90
CA ALA A 96 0.08 -11.14 -3.53
C ALA A 96 -0.97 -11.37 -2.44
N ALA A 97 -2.05 -10.60 -2.49
CA ALA A 97 -3.10 -10.71 -1.48
C ALA A 97 -3.86 -12.01 -1.66
N LYS A 98 -3.89 -12.82 -0.60
CA LYS A 98 -4.63 -14.08 -0.66
C LYS A 98 -6.13 -13.84 -0.55
N ASP A 99 -6.55 -12.86 0.24
CA ASP A 99 -7.97 -12.56 0.45
C ASP A 99 -8.09 -11.06 0.63
N CYS A 100 -8.58 -10.36 -0.40
CA CYS A 100 -8.68 -8.90 -0.35
C CYS A 100 -9.56 -8.45 0.82
N ASN A 101 -10.61 -9.20 1.11
CA ASN A 101 -11.51 -8.79 2.19
C ASN A 101 -10.80 -8.88 3.53
N GLN A 102 -10.02 -9.95 3.73
CA GLN A 102 -9.29 -10.11 4.99
C GLN A 102 -8.19 -9.06 5.16
N VAL A 103 -7.49 -8.72 4.07
CA VAL A 103 -6.47 -7.68 4.15
C VAL A 103 -7.12 -6.35 4.50
N ARG A 104 -8.21 -6.00 3.80
CA ARG A 104 -8.85 -4.72 4.08
C ARG A 104 -9.34 -4.65 5.52
N ASP A 105 -9.90 -5.76 6.03
CA ASP A 105 -10.38 -5.79 7.42
C ASP A 105 -9.23 -5.62 8.39
N PHE A 106 -8.12 -6.30 8.12
CA PHE A 106 -6.94 -6.22 8.99
C PHE A 106 -6.43 -4.79 9.06
N ILE A 107 -6.28 -4.12 7.92
CA ILE A 107 -5.59 -2.83 7.98
C ILE A 107 -6.52 -1.71 8.46
N THR A 108 -7.82 -1.79 8.16
CA THR A 108 -8.72 -0.74 8.65
C THR A 108 -9.09 -0.94 10.11
N LYS A 109 -9.06 -2.17 10.61
CA LYS A 109 -9.30 -2.37 12.04
C LYS A 109 -8.11 -1.97 12.91
N GLU A 110 -6.91 -1.92 12.35
CA GLU A 110 -5.74 -1.54 13.14
C GLU A 110 -5.67 -0.04 13.37
N VAL A 111 -6.23 0.75 12.44
CA VAL A 111 -6.03 2.19 12.46
C VAL A 111 -6.50 2.83 13.77
N ASP A 112 -5.87 3.95 14.12
CA ASP A 112 -6.15 4.64 15.37
C ASP A 112 -7.17 5.76 15.20
N SER A 113 -7.36 6.26 13.99
CA SER A 113 -8.37 7.29 13.73
C SER A 113 -8.60 7.36 12.23
N ASP A 114 -9.79 7.83 11.85
CA ASP A 114 -10.17 7.87 10.44
C ASP A 114 -9.32 8.84 9.63
N VAL A 115 -8.58 9.74 10.28
CA VAL A 115 -7.72 10.66 9.55
C VAL A 115 -6.45 10.00 9.01
N ASN A 116 -6.16 8.77 9.43
CA ASN A 116 -4.97 8.06 8.95
C ASN A 116 -5.33 6.99 7.93
N THR A 117 -6.44 7.15 7.22
CA THR A 117 -6.86 6.22 6.19
C THR A 117 -7.15 7.02 4.91
N ALA A 118 -6.74 6.48 3.77
CA ALA A 118 -7.05 7.06 2.48
C ALA A 118 -7.56 5.99 1.54
N GLU A 119 -8.61 6.31 0.79
CA GLU A 119 -9.22 5.33 -0.12
C GLU A 119 -9.50 5.98 -1.46
N TRP A 120 -9.42 5.19 -2.52
CA TRP A 120 -9.72 5.70 -3.85
C TRP A 120 -10.32 4.57 -4.68
N GLY A 121 -11.35 4.88 -5.45
CA GLY A 121 -11.98 3.90 -6.34
C GLY A 121 -13.13 3.18 -5.69
N THR A 122 -13.61 2.15 -6.40
CA THR A 122 -14.73 1.33 -5.96
C THR A 122 -14.19 -0.05 -5.60
N PHE A 123 -14.54 -0.52 -4.41
CA PHE A 123 -14.02 -1.80 -3.92
C PHE A 123 -14.46 -2.93 -4.83
N VAL A 124 -13.52 -3.82 -5.17
CA VAL A 124 -13.80 -4.92 -6.08
C VAL A 124 -14.20 -6.14 -5.26
N ALA A 125 -15.35 -6.72 -5.59
CA ALA A 125 -15.84 -7.94 -4.95
C ALA A 125 -15.16 -9.11 -5.64
N VAL A 126 -14.12 -9.66 -5.01
CA VAL A 126 -13.29 -10.68 -5.63
C VAL A 126 -13.90 -12.07 -5.49
MN MN C . -0.11 -2.98 10.82
MN MN D . 14.31 -11.25 3.59
MN MN E . 17.21 -5.51 8.41
MN MN F . 6.98 -11.90 6.85
#